data_5CHK
#
_entry.id   5CHK
#
_cell.length_a   61.310
_cell.length_b   61.310
_cell.length_c   120.530
_cell.angle_alpha   90.00
_cell.angle_beta   90.00
_cell.angle_gamma   120.00
#
_symmetry.space_group_name_H-M   'P 64 2 2'
#
loop_
_entity.id
_entity.type
_entity.pdbx_description
1 polymer Avidin
2 non-polymer 2-acetamido-2-deoxy-beta-D-glucopyranose
3 non-polymer '2-[2-(4-oxocyclohexa-2,5-dien-1-ylidene)hydrazinyl]benzoic acid'
4 water water
#
_entity_poly.entity_id   1
_entity_poly.type   'polypeptide(L)'
_entity_poly.pdbx_seq_one_letter_code
;ARKCSLTGKWTNDLGSNMTIGAVNSRGEFTGTYTTAVTATSNEIKESPLHGTENTINKRTQPTFGFTVNWKFSESTTVFT
GQCFIDRNGKEVLKTMWLLRSSVNDIGDDWKATRVGINIFTRLRTQKE
;
_entity_poly.pdbx_strand_id   A
#
# COMPACT_ATOMS: atom_id res chain seq x y z
N LYS A 3 -10.64 17.39 3.18
CA LYS A 3 -9.35 16.82 3.74
C LYS A 3 -9.29 15.24 3.77
N CYS A 4 -8.63 14.62 2.77
CA CYS A 4 -8.49 13.10 2.62
C CYS A 4 -7.16 12.72 3.20
N SER A 5 -7.25 11.86 4.22
CA SER A 5 -6.16 11.58 5.07
C SER A 5 -5.88 10.14 5.04
N LEU A 6 -4.61 9.81 4.86
CA LEU A 6 -4.11 8.43 4.83
C LEU A 6 -4.00 7.74 6.20
N THR A 7 -3.77 8.55 7.24
CA THR A 7 -3.62 8.05 8.57
C THR A 7 -4.92 7.28 8.97
N GLY A 8 -4.77 6.05 9.45
CA GLY A 8 -5.91 5.25 9.81
C GLY A 8 -5.80 3.79 9.38
N LYS A 9 -6.96 3.14 9.34
CA LYS A 9 -7.12 1.71 9.13
C LYS A 9 -7.88 1.49 7.83
N TRP A 10 -7.36 0.60 6.99
CA TRP A 10 -7.90 0.45 5.64
C TRP A 10 -7.97 -1.00 5.37
N THR A 11 -8.85 -1.39 4.47
CA THR A 11 -8.87 -2.77 4.03
C THR A 11 -9.13 -2.78 2.51
N ASN A 12 -8.53 -3.76 1.84
CA ASN A 12 -8.52 -3.80 0.36
C ASN A 12 -9.52 -4.77 -0.14
N ASP A 13 -9.76 -4.70 -1.45
CA ASP A 13 -10.74 -5.58 -2.07
C ASP A 13 -10.36 -7.06 -1.90
N LEU A 14 -9.10 -7.41 -1.61
CA LEU A 14 -8.69 -8.80 -1.30
C LEU A 14 -8.83 -9.22 0.15
N GLY A 15 -9.26 -8.33 1.05
CA GLY A 15 -9.24 -8.65 2.48
C GLY A 15 -7.94 -8.32 3.27
N SER A 16 -6.89 -7.77 2.64
CA SER A 16 -5.70 -7.36 3.39
C SER A 16 -6.02 -6.13 4.22
N ASN A 17 -5.38 -5.99 5.36
CA ASN A 17 -5.56 -4.80 6.22
C ASN A 17 -4.23 -4.07 6.28
N MET A 18 -4.28 -2.76 6.17
CA MET A 18 -3.13 -1.97 6.57
C MET A 18 -3.48 -0.86 7.51
N THR A 19 -2.45 -0.50 8.28
CA THR A 19 -2.55 0.62 9.19
C THR A 19 -1.44 1.56 8.94
N ILE A 20 -1.81 2.80 8.71
CA ILE A 20 -0.87 3.88 8.40
C ILE A 20 -0.93 4.90 9.55
N GLY A 21 0.26 5.34 9.98
CA GLY A 21 0.43 6.15 11.14
C GLY A 21 0.40 7.57 10.68
N ALA A 22 0.98 8.41 11.51
CA ALA A 22 1.03 9.85 11.22
C ALA A 22 1.86 10.18 10.01
N VAL A 23 1.39 11.18 9.29
CA VAL A 23 2.09 11.76 8.17
C VAL A 23 2.73 13.03 8.63
N ASN A 24 4.04 13.19 8.45
CA ASN A 24 4.76 14.31 9.03
C ASN A 24 4.73 15.52 8.10
N SER A 25 5.50 16.55 8.41
CA SER A 25 5.59 17.77 7.58
C SER A 25 6.13 17.50 6.17
N ARG A 26 6.98 16.47 6.01
CA ARG A 26 7.60 16.19 4.73
C ARG A 26 6.83 15.15 3.90
N GLY A 27 5.62 14.77 4.36
CA GLY A 27 4.80 13.77 3.75
C GLY A 27 5.09 12.33 4.07
N GLU A 28 6.03 12.01 4.94
CA GLU A 28 6.41 10.58 5.16
C GLU A 28 5.45 9.86 6.08
N PHE A 29 5.28 8.57 5.86
CA PHE A 29 4.54 7.78 6.82
C PHE A 29 5.08 6.38 6.83
N THR A 30 4.68 5.68 7.86
CA THR A 30 5.05 4.33 8.16
C THR A 30 3.81 3.60 8.53
N GLY A 31 3.87 2.26 8.42
CA GLY A 31 2.74 1.43 8.80
C GLY A 31 3.03 -0.04 8.82
N THR A 32 1.95 -0.81 9.00
CA THR A 32 2.00 -2.26 8.86
C THR A 32 0.93 -2.75 7.87
N TYR A 33 1.22 -3.87 7.24
CA TYR A 33 0.37 -4.47 6.22
C TYR A 33 0.13 -5.91 6.64
N THR A 34 -1.13 -6.30 6.79
CA THR A 34 -1.47 -7.66 7.14
C THR A 34 -2.23 -8.22 5.96
N THR A 35 -1.56 -9.13 5.27
CA THR A 35 -2.03 -9.56 3.96
C THR A 35 -3.04 -10.68 4.09
N ALA A 36 -4.00 -10.73 3.17
CA ALA A 36 -5.01 -11.84 3.11
C ALA A 36 -4.69 -12.94 2.11
N VAL A 37 -3.48 -12.91 1.57
CA VAL A 37 -3.14 -13.50 0.29
C VAL A 37 -2.35 -14.83 0.43
N THR A 38 -1.91 -15.19 1.66
CA THR A 38 -1.06 -16.36 1.93
C THR A 38 -1.76 -17.57 2.57
N ALA A 39 -1.07 -18.74 2.52
CA ALA A 39 -1.55 -20.01 3.16
C ALA A 39 -1.53 -19.78 4.63
N THR A 40 -2.56 -20.25 5.30
CA THR A 40 -2.75 -19.85 6.67
C THR A 40 -1.54 -20.24 7.53
N SER A 41 -0.84 -19.22 8.03
CA SER A 41 0.21 -19.34 9.07
C SER A 41 -0.46 -19.04 10.41
N ASN A 42 -0.25 -19.91 11.40
CA ASN A 42 -0.44 -19.59 12.83
C ASN A 42 0.38 -18.39 13.27
N GLU A 43 1.49 -18.13 12.57
CA GLU A 43 2.27 -16.89 12.69
C GLU A 43 1.64 -15.75 11.78
N ILE A 44 1.13 -14.69 12.44
CA ILE A 44 0.46 -13.53 11.78
C ILE A 44 1.41 -12.87 10.80
N LYS A 45 1.00 -12.90 9.54
CA LYS A 45 1.81 -12.26 8.51
C LYS A 45 1.69 -10.72 8.46
N GLU A 46 2.51 -10.01 9.27
CA GLU A 46 2.66 -8.51 9.21
C GLU A 46 3.93 -8.07 8.58
N SER A 47 3.87 -7.04 7.73
CA SER A 47 5.06 -6.51 7.13
C SER A 47 4.99 -5.03 7.25
N PRO A 48 6.14 -4.40 7.48
CA PRO A 48 6.11 -2.96 7.47
C PRO A 48 5.84 -2.37 6.10
N LEU A 49 5.39 -1.13 6.11
CA LEU A 49 5.36 -0.29 4.89
C LEU A 49 5.91 1.14 5.14
N HIS A 50 6.46 1.72 4.10
CA HIS A 50 6.96 3.10 4.17
C HIS A 50 6.64 3.82 2.91
N GLY A 51 6.23 5.07 3.07
CA GLY A 51 5.76 5.85 1.94
C GLY A 51 5.76 7.32 2.17
N THR A 52 5.36 8.02 1.13
CA THR A 52 5.23 9.45 1.14
C THR A 52 4.02 9.82 0.36
N GLU A 53 3.43 10.91 0.77
CA GLU A 53 2.39 11.54 0.00
C GLU A 53 2.82 12.88 -0.48
N ASN A 54 2.22 13.34 -1.59
CA ASN A 54 2.58 14.62 -2.20
C ASN A 54 1.94 15.77 -1.49
N THR A 55 2.84 16.64 -0.99
CA THR A 55 2.49 17.87 -0.34
C THR A 55 2.21 19.04 -1.27
N ILE A 56 2.73 19.02 -2.50
CA ILE A 56 2.59 20.20 -3.35
C ILE A 56 1.10 20.53 -3.38
N ASN A 57 0.84 21.74 -2.85
CA ASN A 57 -0.44 22.47 -2.86
C ASN A 57 -1.49 22.12 -1.77
N LYS A 58 -1.11 21.36 -0.72
CA LYS A 58 -2.04 20.72 0.27
C LYS A 58 -2.88 19.60 -0.32
N ARG A 59 -3.60 19.97 -1.37
CA ARG A 59 -4.39 19.08 -2.20
C ARG A 59 -5.70 18.61 -1.51
N THR A 60 -5.62 18.05 -0.34
CA THR A 60 -6.76 17.37 0.19
C THR A 60 -7.27 16.16 -0.62
N GLN A 61 -6.66 15.84 -1.75
CA GLN A 61 -6.87 14.56 -2.36
C GLN A 61 -5.52 14.32 -2.98
N PRO A 62 -4.50 14.05 -2.15
CA PRO A 62 -3.15 14.00 -2.71
C PRO A 62 -2.80 12.69 -3.30
N THR A 63 -1.79 12.68 -4.17
CA THR A 63 -1.20 11.40 -4.59
C THR A 63 -0.20 10.94 -3.58
N PHE A 64 0.17 9.66 -3.68
CA PHE A 64 1.04 9.01 -2.72
C PHE A 64 1.64 7.72 -3.24
N GLY A 65 2.69 7.27 -2.58
CA GLY A 65 3.27 6.00 -2.88
C GLY A 65 3.79 5.36 -1.64
N PHE A 66 3.86 4.06 -1.68
CA PHE A 66 4.55 3.32 -0.63
C PHE A 66 5.03 1.95 -1.04
N THR A 67 5.96 1.47 -0.23
CA THR A 67 6.66 0.22 -0.45
C THR A 67 6.38 -0.73 0.68
N VAL A 68 6.05 -1.94 0.32
CA VAL A 68 5.97 -3.06 1.29
C VAL A 68 7.06 -4.11 1.08
N ASN A 69 7.72 -4.44 2.13
CA ASN A 69 8.86 -5.27 2.05
C ASN A 69 8.43 -6.58 2.71
N TRP A 70 8.05 -7.60 1.94
CA TRP A 70 7.26 -8.71 2.48
C TRP A 70 8.07 -9.63 3.41
N LYS A 71 7.50 -9.97 4.57
CA LYS A 71 8.15 -10.92 5.47
C LYS A 71 7.98 -12.32 4.97
N PHE A 72 8.95 -13.15 5.26
CA PHE A 72 8.91 -14.52 4.78
C PHE A 72 8.78 -14.65 3.25
N SER A 73 9.33 -13.70 2.54
CA SER A 73 9.30 -13.67 1.09
C SER A 73 10.46 -12.78 0.64
N GLU A 74 11.00 -13.07 -0.54
CA GLU A 74 12.02 -12.24 -1.15
C GLU A 74 11.48 -11.04 -1.94
N SER A 75 10.14 -10.90 -1.98
CA SER A 75 9.46 -9.94 -2.85
C SER A 75 9.23 -8.56 -2.28
N THR A 76 8.94 -7.61 -3.17
CA THR A 76 8.57 -6.24 -2.76
C THR A 76 7.35 -5.86 -3.65
N THR A 77 6.34 -5.28 -3.02
CA THR A 77 5.26 -4.55 -3.70
C THR A 77 5.38 -3.05 -3.52
N VAL A 78 5.17 -2.28 -4.59
CA VAL A 78 5.00 -0.81 -4.50
C VAL A 78 3.58 -0.42 -4.89
N PHE A 79 2.94 0.45 -4.10
CA PHE A 79 1.62 0.97 -4.41
C PHE A 79 1.65 2.46 -4.65
N THR A 80 0.85 2.91 -5.57
CA THR A 80 0.67 4.37 -5.80
C THR A 80 -0.73 4.71 -6.20
N GLY A 81 -1.18 5.87 -5.77
CA GLY A 81 -2.57 6.22 -5.98
C GLY A 81 -2.96 7.57 -5.48
N GLN A 82 -4.27 7.74 -5.28
CA GLN A 82 -4.80 8.97 -4.76
C GLN A 82 -5.94 8.75 -3.82
N CYS A 83 -5.97 9.52 -2.73
CA CYS A 83 -7.03 9.52 -1.72
C CYS A 83 -8.20 10.38 -2.26
N PHE A 84 -9.35 9.75 -2.53
CA PHE A 84 -10.60 10.42 -2.87
C PHE A 84 -11.54 10.44 -1.66
N ILE A 85 -12.48 11.40 -1.72
CA ILE A 85 -13.52 11.69 -0.68
C ILE A 85 -14.88 12.02 -1.29
N ASP A 86 -15.88 11.16 -1.06
CA ASP A 86 -17.20 11.33 -1.70
C ASP A 86 -18.32 10.55 -0.98
N ARG A 87 -19.56 10.80 -1.40
CA ARG A 87 -20.78 10.24 -0.81
C ARG A 87 -20.99 10.55 0.67
N ASN A 88 -21.34 11.82 0.93
CA ASN A 88 -21.42 12.44 2.28
C ASN A 88 -20.11 12.33 3.13
N GLY A 89 -18.94 12.16 2.47
CA GLY A 89 -17.61 12.05 3.15
C GLY A 89 -16.84 10.71 3.21
N LYS A 90 -17.24 9.67 2.45
CA LYS A 90 -16.53 8.35 2.44
C LYS A 90 -15.20 8.39 1.70
N GLU A 91 -14.13 8.10 2.43
CA GLU A 91 -12.80 8.08 1.87
C GLU A 91 -12.43 6.78 1.13
N VAL A 92 -11.82 6.93 -0.03
CA VAL A 92 -11.35 5.76 -0.78
C VAL A 92 -9.94 6.01 -1.28
N LEU A 93 -9.04 5.03 -1.09
CA LEU A 93 -7.77 5.02 -1.83
C LEU A 93 -7.83 4.10 -3.11
N LYS A 94 -7.69 4.72 -4.29
CA LYS A 94 -7.58 4.01 -5.57
C LYS A 94 -6.11 3.88 -5.86
N THR A 95 -5.62 2.63 -5.93
CA THR A 95 -4.20 2.41 -6.15
C THR A 95 -3.95 1.46 -7.30
N MET A 96 -2.77 1.53 -7.86
CA MET A 96 -2.21 0.47 -8.64
C MET A 96 -0.90 0.05 -8.06
N TRP A 97 -0.47 -1.18 -8.32
CA TRP A 97 0.71 -1.71 -7.70
C TRP A 97 1.54 -2.48 -8.67
N LEU A 98 2.83 -2.59 -8.34
CA LEU A 98 3.71 -3.58 -8.94
C LEU A 98 4.27 -4.51 -7.90
N LEU A 99 4.22 -5.79 -8.18
CA LEU A 99 4.74 -6.84 -7.25
C LEU A 99 5.93 -7.38 -7.92
N ARG A 100 7.11 -7.14 -7.32
CA ARG A 100 8.36 -7.60 -7.86
C ARG A 100 8.72 -8.84 -7.12
N SER A 101 8.90 -9.93 -7.87
CA SER A 101 9.58 -11.15 -7.37
C SER A 101 11.06 -11.12 -7.61
N SER A 102 11.74 -12.05 -6.95
CA SER A 102 13.16 -12.16 -7.01
C SER A 102 13.53 -13.22 -7.98
N VAL A 103 14.41 -12.94 -8.92
CA VAL A 103 14.98 -13.96 -9.76
C VAL A 103 16.48 -14.12 -9.51
N ASN A 104 17.06 -15.26 -9.84
CA ASN A 104 18.44 -15.54 -9.55
C ASN A 104 19.31 -15.54 -10.78
N ASP A 105 18.80 -15.00 -11.87
CA ASP A 105 19.48 -15.01 -13.15
C ASP A 105 18.78 -13.93 -13.88
N ILE A 106 19.55 -12.98 -14.34
CA ILE A 106 19.01 -11.79 -15.00
C ILE A 106 18.19 -12.04 -16.28
N GLY A 107 18.39 -13.18 -16.93
CA GLY A 107 17.60 -13.63 -18.04
C GLY A 107 16.15 -14.00 -17.70
N ASP A 108 15.85 -14.17 -16.42
CA ASP A 108 14.46 -14.23 -16.00
C ASP A 108 13.87 -12.91 -15.52
N ASP A 109 14.60 -11.78 -15.59
CA ASP A 109 14.11 -10.51 -15.09
C ASP A 109 12.76 -10.12 -15.71
N TRP A 110 12.65 -10.36 -17.02
CA TRP A 110 11.49 -9.98 -17.79
C TRP A 110 10.16 -10.41 -17.21
N LYS A 111 10.18 -11.55 -16.51
CA LYS A 111 9.01 -12.14 -15.93
C LYS A 111 8.78 -11.94 -14.45
N ALA A 112 9.57 -11.13 -13.80
CA ALA A 112 9.50 -10.92 -12.41
C ALA A 112 8.51 -9.89 -11.91
N THR A 113 7.73 -9.24 -12.76
CA THR A 113 6.87 -8.17 -12.27
C THR A 113 5.40 -8.31 -12.57
N ARG A 114 4.55 -8.28 -11.52
CA ARG A 114 3.13 -8.32 -11.72
C ARG A 114 2.50 -6.96 -11.48
N VAL A 115 1.29 -6.82 -12.00
CA VAL A 115 0.63 -5.54 -11.90
C VAL A 115 -0.85 -5.73 -11.62
N GLY A 116 -1.43 -4.84 -10.81
CA GLY A 116 -2.88 -4.74 -10.75
C GLY A 116 -3.30 -3.52 -9.97
N ILE A 117 -4.56 -3.56 -9.51
CA ILE A 117 -5.19 -2.50 -8.75
C ILE A 117 -5.58 -2.90 -7.36
N ASN A 118 -5.68 -1.95 -6.46
CA ASN A 118 -6.34 -2.20 -5.15
C ASN A 118 -7.13 -0.98 -4.79
N ILE A 119 -8.36 -1.19 -4.35
CA ILE A 119 -9.17 -0.15 -3.72
C ILE A 119 -9.22 -0.40 -2.24
N PHE A 120 -8.87 0.62 -1.49
CA PHE A 120 -8.80 0.54 -0.05
C PHE A 120 -9.87 1.43 0.52
N THR A 121 -10.69 0.87 1.41
CA THR A 121 -11.68 1.64 2.16
C THR A 121 -11.45 1.56 3.67
N ARG A 122 -11.93 2.56 4.39
CA ARG A 122 -11.83 2.62 5.86
C ARG A 122 -12.39 1.37 6.52
N LEU A 123 -11.73 0.90 7.57
CA LEU A 123 -12.17 -0.27 8.34
C LEU A 123 -12.80 0.14 9.68
#